data_7Y4M
#
_entry.id   7Y4M
#
_cell.length_a   67.752
_cell.length_b   67.752
_cell.length_c   141.316
_cell.angle_alpha   90.000
_cell.angle_beta   90.000
_cell.angle_gamma   90.000
#
_symmetry.space_group_name_H-M   'P 41 21 2'
#
loop_
_entity.id
_entity.type
_entity.pdbx_description
1 polymer 'Ricin A chain'
2 non-polymer '(2S)-2-[[(2S)-2-[2-[(2-azanyl-4-oxidanylidene-3H-pteridin-7-yl)carbonylamino]ethanoylamino]-3-phenyl-propanoyl]amino]-6-(phenylmethoxycarbonylamino)hexanoic acid'
3 non-polymer 'SULFATE ION'
4 water water
#
_entity_poly.entity_id   1
_entity_poly.type   'polypeptide(L)'
_entity_poly.pdbx_seq_one_letter_code
;MHHHHHHIFPKQYPIINFTTAGATVQSYTNFIRAVRGRLTTGADVRHEIPVLPNRVGLPINQRFILVELSNHAELSVTLA
LDVTNAYVVGYRAGNSAYFFHPDNQEDAEAITHLFTDVQNRYTFAFGGNYDRLEQLAGNLRENIELGNGPLEEAISALYY
YSTGGTQLPTLARSFIICIQMISEAARFQYIEGEMRTRIRYNRRSAPDPSVITLENSWGRLSTAIQESNQGAFASPIQLQ
RRNGSKFSVYDVSILIPIIALMVYRCAPPPSSQF
;
_entity_poly.pdbx_strand_id   A
#
loop_
_chem_comp.id
_chem_comp.type
_chem_comp.name
_chem_comp.formula
IWQ peptide-like '(2S)-2-[[(2S)-2-[2-[(2-azanyl-4-oxidanylidene-3H-pteridin-7-yl)carbonylamino]ethanoylamino]-3-phenyl-propanoyl]amino]-6-(phenylmethoxycarbonylamino)hexanoic acid' 'C32 H35 N9 O8'
SO4 non-polymer 'SULFATE ION' 'O4 S -2'
#
# COMPACT_ATOMS: atom_id res chain seq x y z
N GLN A 12 19.69 6.91 -4.02
CA GLN A 12 19.42 7.92 -2.96
C GLN A 12 18.21 7.57 -2.10
N TYR A 13 17.09 7.23 -2.74
CA TYR A 13 15.89 6.77 -2.03
C TYR A 13 16.14 5.41 -1.38
N PRO A 14 15.62 5.22 -0.14
CA PRO A 14 15.83 3.97 0.61
C PRO A 14 15.20 2.77 -0.09
N ILE A 15 15.87 1.63 0.00
CA ILE A 15 15.42 0.38 -0.60
C ILE A 15 15.12 -0.64 0.49
N ILE A 16 13.94 -1.25 0.41
CA ILE A 16 13.58 -2.39 1.26
C ILE A 16 13.43 -3.63 0.36
N ASN A 17 14.11 -4.70 0.74
CA ASN A 17 14.08 -5.96 0.00
C ASN A 17 13.11 -6.97 0.60
N PHE A 18 12.37 -7.67 -0.28
CA PHE A 18 11.57 -8.82 0.13
C PHE A 18 11.58 -9.85 -0.97
N THR A 19 11.64 -11.11 -0.58
CA THR A 19 11.47 -12.20 -1.52
C THR A 19 10.36 -13.16 -1.11
N THR A 20 9.61 -13.62 -2.11
CA THR A 20 8.60 -14.65 -1.92
C THR A 20 9.24 -16.03 -1.81
N ALA A 21 10.49 -16.15 -2.24
CA ALA A 21 11.25 -17.38 -2.18
C ALA A 21 11.49 -17.78 -0.73
N GLY A 22 10.84 -18.87 -0.31
CA GLY A 22 10.91 -19.35 1.08
C GLY A 22 10.40 -18.35 2.11
N ALA A 23 9.45 -17.51 1.73
CA ALA A 23 8.88 -16.52 2.64
C ALA A 23 8.21 -17.20 3.83
N THR A 24 8.40 -16.59 5.00
CA THR A 24 7.78 -17.06 6.23
C THR A 24 7.03 -15.91 6.88
N VAL A 25 6.24 -16.22 7.90
CA VAL A 25 5.57 -15.20 8.71
C VAL A 25 6.59 -14.16 9.20
N GLN A 26 7.72 -14.63 9.73
CA GLN A 26 8.75 -13.74 10.25
C GLN A 26 9.40 -12.86 9.18
N SER A 27 9.74 -13.43 8.02
CA SER A 27 10.39 -12.63 6.97
C SER A 27 9.45 -11.56 6.41
N TYR A 28 8.17 -11.92 6.29
CA TYR A 28 7.15 -10.95 5.87
C TYR A 28 6.92 -9.87 6.94
N THR A 29 6.85 -10.26 8.20
CA THR A 29 6.72 -9.32 9.31
C THR A 29 7.89 -8.33 9.32
N ASN A 30 9.13 -8.83 9.19
CA ASN A 30 10.32 -7.97 9.12
C ASN A 30 10.22 -6.96 7.98
N PHE A 31 9.74 -7.43 6.82
CA PHE A 31 9.57 -6.61 5.63
C PHE A 31 8.58 -5.47 5.86
N ILE A 32 7.38 -5.80 6.33
CA ILE A 32 6.36 -4.78 6.58
C ILE A 32 6.81 -3.76 7.63
N ARG A 33 7.45 -4.25 8.72
CA ARG A 33 8.02 -3.38 9.74
CA ARG A 33 8.03 -3.37 9.74
C ARG A 33 9.03 -2.40 9.13
N ALA A 34 9.90 -2.90 8.26
CA ALA A 34 10.91 -2.08 7.57
C ALA A 34 10.27 -1.04 6.64
N VAL A 35 9.23 -1.43 5.92
CA VAL A 35 8.49 -0.49 5.05
C VAL A 35 7.90 0.66 5.89
N ARG A 36 7.19 0.31 6.97
CA ARG A 36 6.62 1.33 7.86
C ARG A 36 7.67 2.29 8.40
N GLY A 37 8.84 1.73 8.76
CA GLY A 37 9.96 2.51 9.29
C GLY A 37 10.50 3.53 8.31
N ARG A 38 10.45 3.21 7.03
CA ARG A 38 10.89 4.13 5.97
C ARG A 38 9.80 5.08 5.51
N LEU A 39 8.55 4.73 5.78
CA LEU A 39 7.41 5.58 5.46
C LEU A 39 7.21 6.72 6.45
N THR A 40 7.28 6.42 7.74
CA THR A 40 7.06 7.43 8.80
C THR A 40 8.35 7.88 9.48
N THR A 41 8.36 9.15 9.87
CA THR A 41 9.52 9.80 10.48
C THR A 41 9.51 9.73 12.01
N GLY A 42 8.32 9.61 12.59
CA GLY A 42 8.12 9.68 14.04
C GLY A 42 7.73 11.07 14.52
N ALA A 43 7.70 12.04 13.59
CA ALA A 43 7.34 13.43 13.88
C ALA A 43 5.87 13.63 14.23
N ASP A 44 5.02 12.69 13.80
CA ASP A 44 3.57 12.85 13.86
C ASP A 44 2.89 11.57 14.33
N VAL A 45 2.47 11.57 15.59
CA VAL A 45 1.75 10.45 16.19
C VAL A 45 0.52 11.00 16.91
N ARG A 46 -0.65 10.48 16.55
CA ARG A 46 -1.91 10.97 17.13
C ARG A 46 -2.77 9.80 17.58
N HIS A 47 -3.13 9.84 18.88
CA HIS A 47 -3.82 8.75 19.57
C HIS A 47 -3.13 7.40 19.40
N GLU A 48 -1.79 7.43 19.52
CA GLU A 48 -0.89 6.28 19.38
C GLU A 48 -0.70 5.78 17.93
N ILE A 49 -1.35 6.46 16.98
CA ILE A 49 -1.26 6.07 15.57
C ILE A 49 -0.40 7.07 14.77
N PRO A 50 0.71 6.57 14.17
CA PRO A 50 1.57 7.39 13.33
C PRO A 50 0.88 7.94 12.09
N VAL A 51 1.27 9.16 11.72
CA VAL A 51 0.78 9.83 10.53
C VAL A 51 1.94 9.94 9.55
N LEU A 52 1.66 9.67 8.29
CA LEU A 52 2.62 9.83 7.20
C LEU A 52 2.98 11.30 6.98
N PRO A 53 4.15 11.58 6.35
CA PRO A 53 4.54 12.98 6.11
C PRO A 53 3.51 13.74 5.30
N ASN A 54 3.32 15.01 5.65
CA ASN A 54 2.52 15.95 4.88
C ASN A 54 3.16 16.18 3.51
N ARG A 55 2.35 16.08 2.46
CA ARG A 55 2.79 16.32 1.09
C ARG A 55 3.28 17.76 0.89
N VAL A 56 2.65 18.69 1.60
CA VAL A 56 2.93 20.13 1.50
C VAL A 56 4.29 20.46 2.12
N GLY A 57 5.20 20.95 1.27
CA GLY A 57 6.55 21.33 1.69
C GLY A 57 7.52 20.19 1.84
N LEU A 58 7.11 18.98 1.46
CA LEU A 58 7.98 17.81 1.55
C LEU A 58 9.02 17.84 0.43
N PRO A 59 10.32 17.88 0.80
CA PRO A 59 11.37 17.92 -0.21
C PRO A 59 11.41 16.64 -1.04
N ILE A 60 11.73 16.79 -2.33
CA ILE A 60 11.73 15.68 -3.30
C ILE A 60 12.66 14.52 -2.91
N ASN A 61 13.77 14.84 -2.23
CA ASN A 61 14.74 13.82 -1.78
C ASN A 61 14.21 12.90 -0.67
N GLN A 62 13.04 13.23 -0.14
CA GLN A 62 12.39 12.48 0.93
C GLN A 62 11.03 11.91 0.51
N ARG A 63 10.72 11.99 -0.78
CA ARG A 63 9.36 11.73 -1.27
C ARG A 63 9.02 10.26 -1.50
N PHE A 64 10.02 9.45 -1.86
CA PHE A 64 9.78 8.07 -2.25
C PHE A 64 10.62 7.06 -1.48
N ILE A 65 10.10 5.83 -1.41
CA ILE A 65 10.87 4.65 -1.01
C ILE A 65 10.76 3.59 -2.09
N LEU A 66 11.72 2.68 -2.11
CA LEU A 66 11.76 1.63 -3.13
C LEU A 66 11.63 0.27 -2.46
N VAL A 67 10.76 -0.55 -3.06
CA VAL A 67 10.53 -1.91 -2.55
C VAL A 67 10.99 -2.86 -3.65
N GLU A 68 12.11 -3.53 -3.40
CA GLU A 68 12.67 -4.48 -4.35
C GLU A 68 12.15 -5.87 -4.05
N LEU A 69 11.32 -6.38 -4.96
CA LEU A 69 10.71 -7.68 -4.83
C LEU A 69 11.42 -8.71 -5.69
N SER A 70 11.84 -9.80 -5.04
CA SER A 70 12.44 -10.94 -5.72
C SER A 70 11.52 -12.15 -5.55
N ASN A 71 11.66 -13.13 -6.44
CA ASN A 71 10.88 -14.36 -6.32
C ASN A 71 11.71 -15.63 -6.50
N HIS A 72 11.07 -16.79 -6.33
CA HIS A 72 11.75 -18.08 -6.49
C HIS A 72 12.24 -18.30 -7.94
N ALA A 73 11.55 -17.67 -8.89
CA ALA A 73 11.92 -17.72 -10.32
C ALA A 73 13.17 -16.89 -10.67
N GLU A 74 13.84 -16.35 -9.63
CA GLU A 74 15.04 -15.50 -9.77
C GLU A 74 14.82 -14.22 -10.57
N LEU A 75 13.62 -13.65 -10.42
CA LEU A 75 13.28 -12.40 -11.08
C LEU A 75 13.09 -11.32 -10.03
N SER A 76 13.40 -10.09 -10.40
CA SER A 76 13.25 -8.93 -9.52
C SER A 76 12.52 -7.79 -10.20
N VAL A 77 11.67 -7.12 -9.42
CA VAL A 77 11.04 -5.86 -9.81
C VAL A 77 11.19 -4.88 -8.65
N THR A 78 11.22 -3.59 -8.95
CA THR A 78 11.29 -2.56 -7.91
C THR A 78 10.08 -1.66 -7.99
N LEU A 79 9.28 -1.66 -6.92
CA LEU A 79 8.13 -0.76 -6.79
C LEU A 79 8.57 0.54 -6.15
N ALA A 80 8.01 1.65 -6.65
CA ALA A 80 8.20 2.95 -6.04
C ALA A 80 6.96 3.35 -5.27
N LEU A 81 7.15 3.69 -4.00
CA LEU A 81 6.06 4.10 -3.12
C LEU A 81 6.21 5.55 -2.70
N ASP A 82 5.10 6.29 -2.79
CA ASP A 82 4.99 7.67 -2.33
C ASP A 82 4.85 7.62 -0.80
N VAL A 83 5.76 8.28 -0.08
CA VAL A 83 5.76 8.23 1.40
C VAL A 83 4.55 8.93 2.04
N THR A 84 3.90 9.82 1.28
CA THR A 84 2.77 10.59 1.82
C THR A 84 1.51 9.73 1.99
N ASN A 85 1.43 8.63 1.24
CA ASN A 85 0.23 7.78 1.31
C ASN A 85 0.48 6.29 1.06
N ALA A 86 1.75 5.91 0.93
CA ALA A 86 2.19 4.53 0.62
C ALA A 86 1.74 4.03 -0.76
N TYR A 87 1.32 4.95 -1.62
CA TYR A 87 0.81 4.64 -2.95
C TYR A 87 1.91 4.08 -3.84
N VAL A 88 1.61 2.99 -4.55
CA VAL A 88 2.53 2.44 -5.55
C VAL A 88 2.35 3.29 -6.81
N VAL A 89 3.38 4.07 -7.13
CA VAL A 89 3.30 5.04 -8.25
C VAL A 89 3.81 4.45 -9.57
N GLY A 90 4.60 3.39 -9.46
CA GLY A 90 5.12 2.69 -10.63
C GLY A 90 6.13 1.62 -10.25
N TYR A 91 6.74 1.04 -11.27
CA TYR A 91 7.75 0.00 -11.06
C TYR A 91 8.84 -0.01 -12.12
N ARG A 92 9.96 -0.62 -11.76
CA ARG A 92 11.06 -0.89 -12.68
C ARG A 92 11.27 -2.40 -12.82
N ALA A 93 11.38 -2.85 -14.07
CA ALA A 93 11.82 -4.21 -14.37
C ALA A 93 12.91 -4.14 -15.43
N GLY A 94 14.16 -4.37 -14.97
CA GLY A 94 15.35 -4.32 -15.83
C GLY A 94 15.56 -2.98 -16.48
N ASN A 95 15.42 -2.95 -17.80
CA ASN A 95 15.66 -1.76 -18.62
C ASN A 95 14.44 -0.86 -18.88
N SER A 96 13.32 -1.17 -18.23
CA SER A 96 12.08 -0.41 -18.41
C SER A 96 11.41 -0.04 -17.08
N ALA A 97 10.94 1.20 -17.02
CA ALA A 97 10.11 1.67 -15.90
C ALA A 97 8.73 2.11 -16.37
N TYR A 98 7.74 1.85 -15.53
CA TYR A 98 6.34 2.15 -15.84
C TYR A 98 5.67 2.87 -14.69
N PHE A 99 5.03 3.99 -14.99
CA PHE A 99 4.33 4.80 -13.99
C PHE A 99 2.86 4.93 -14.30
N PHE A 100 2.02 4.92 -13.27
CA PHE A 100 0.61 5.22 -13.43
C PHE A 100 0.42 6.69 -13.81
N HIS A 101 -0.69 6.98 -14.49
CA HIS A 101 -1.03 8.35 -14.90
C HIS A 101 -1.12 9.24 -13.66
N PRO A 102 -0.27 10.28 -13.58
CA PRO A 102 -0.27 11.17 -12.41
C PRO A 102 -1.56 11.96 -12.27
N ASP A 103 -1.99 12.14 -11.03
CA ASP A 103 -3.25 12.83 -10.70
C ASP A 103 -3.13 14.36 -10.73
N ASN A 104 -1.89 14.86 -10.73
CA ASN A 104 -1.59 16.30 -10.83
C ASN A 104 -0.21 16.57 -11.44
N GLN A 105 0.03 17.84 -11.78
CA GLN A 105 1.27 18.27 -12.42
C GLN A 105 2.50 18.09 -11.53
N GLU A 106 2.36 18.39 -10.23
CA GLU A 106 3.44 18.23 -9.27
C GLU A 106 3.91 16.78 -9.15
N ASP A 107 2.96 15.84 -9.13
CA ASP A 107 3.27 14.41 -9.09
C ASP A 107 3.94 13.89 -10.36
N ALA A 108 3.54 14.45 -11.51
CA ALA A 108 4.21 14.18 -12.79
C ALA A 108 5.69 14.59 -12.77
N GLU A 109 5.98 15.77 -12.19
CA GLU A 109 7.36 16.20 -11.99
C GLU A 109 8.09 15.29 -11.01
N ALA A 110 7.40 14.93 -9.91
CA ALA A 110 7.97 14.10 -8.85
C ALA A 110 8.52 12.75 -9.33
N ILE A 111 7.79 12.09 -10.23
CA ILE A 111 8.20 10.78 -10.74
C ILE A 111 9.39 10.79 -11.71
N THR A 112 9.74 11.97 -12.24
CA THR A 112 10.95 12.12 -13.06
C THR A 112 12.24 11.92 -12.24
N HIS A 113 12.10 11.99 -10.91
CA HIS A 113 13.19 11.74 -9.97
C HIS A 113 13.37 10.25 -9.63
N LEU A 114 12.49 9.40 -10.19
CA LEU A 114 12.53 7.95 -9.99
C LEU A 114 13.11 7.21 -11.18
N PHE A 115 13.94 6.21 -10.87
CA PHE A 115 14.59 5.32 -11.86
C PHE A 115 15.24 6.12 -12.99
N THR A 116 16.08 7.08 -12.61
CA THR A 116 16.66 8.07 -13.55
C THR A 116 17.67 7.48 -14.55
N ASP A 117 18.24 6.32 -14.20
CA ASP A 117 19.24 5.65 -15.04
C ASP A 117 18.64 4.59 -15.99
N VAL A 118 17.32 4.42 -15.96
CA VAL A 118 16.62 3.42 -16.77
C VAL A 118 16.56 3.83 -18.25
N GLN A 119 16.71 2.85 -19.13
CA GLN A 119 16.76 3.08 -20.58
C GLN A 119 15.43 3.50 -21.19
N ASN A 120 14.35 2.90 -20.70
CA ASN A 120 13.00 3.14 -21.23
C ASN A 120 12.02 3.60 -20.15
N ARG A 121 11.40 4.77 -20.37
CA ARG A 121 10.43 5.34 -19.44
C ARG A 121 9.05 5.40 -20.05
N TYR A 122 8.08 4.81 -19.37
CA TYR A 122 6.69 4.85 -19.81
C TYR A 122 5.77 5.35 -18.71
N THR A 123 4.82 6.18 -19.10
CA THR A 123 3.70 6.53 -18.25
C THR A 123 2.46 5.92 -18.88
N PHE A 124 1.77 5.07 -18.12
CA PHE A 124 0.47 4.53 -18.50
C PHE A 124 -0.53 5.66 -18.69
N ALA A 125 -1.43 5.48 -19.65
CA ALA A 125 -2.52 6.43 -19.87
C ALA A 125 -3.63 6.29 -18.81
N PHE A 126 -3.56 5.22 -18.03
CA PHE A 126 -4.52 4.96 -16.95
C PHE A 126 -3.94 5.24 -15.57
N GLY A 127 -4.81 5.69 -14.67
CA GLY A 127 -4.47 5.88 -13.26
C GLY A 127 -4.38 4.55 -12.54
N GLY A 128 -3.80 4.58 -11.33
CA GLY A 128 -3.51 3.37 -10.58
C GLY A 128 -4.44 2.99 -9.45
N ASN A 129 -5.57 3.67 -9.31
CA ASN A 129 -6.55 3.33 -8.25
C ASN A 129 -7.20 1.97 -8.51
N TYR A 130 -7.73 1.34 -7.45
CA TYR A 130 -8.35 0.02 -7.57
C TYR A 130 -9.43 -0.07 -8.65
N ASP A 131 -10.30 0.94 -8.70
CA ASP A 131 -11.41 0.94 -9.66
C ASP A 131 -10.96 0.77 -11.11
N ARG A 132 -9.94 1.52 -11.50
CA ARG A 132 -9.34 1.43 -12.83
C ARG A 132 -8.64 0.08 -13.04
N LEU A 133 -7.92 -0.38 -12.02
CA LEU A 133 -7.17 -1.63 -12.12
C LEU A 133 -8.07 -2.85 -12.20
N GLU A 134 -9.18 -2.81 -11.44
CA GLU A 134 -10.21 -3.85 -11.48
C GLU A 134 -10.90 -3.92 -12.84
N GLN A 135 -11.19 -2.76 -13.42
CA GLN A 135 -11.75 -2.65 -14.77
C GLN A 135 -10.85 -3.35 -15.79
N LEU A 136 -9.55 -3.03 -15.74
CA LEU A 136 -8.56 -3.61 -16.65
C LEU A 136 -8.32 -5.10 -16.39
N ALA A 137 -8.35 -5.49 -15.12
CA ALA A 137 -8.18 -6.90 -14.72
C ALA A 137 -9.35 -7.79 -15.14
N GLY A 138 -10.54 -7.19 -15.24
CA GLY A 138 -11.78 -7.94 -15.46
C GLY A 138 -12.23 -8.69 -14.22
N ASN A 139 -11.69 -8.30 -13.06
CA ASN A 139 -12.04 -8.87 -11.77
C ASN A 139 -11.94 -7.84 -10.66
N LEU A 140 -12.85 -7.94 -9.69
CA LEU A 140 -12.81 -7.11 -8.49
C LEU A 140 -11.82 -7.69 -7.48
N ARG A 141 -11.37 -6.85 -6.55
CA ARG A 141 -10.54 -7.30 -5.42
C ARG A 141 -11.11 -8.53 -4.71
N GLU A 142 -12.42 -8.57 -4.51
CA GLU A 142 -13.09 -9.68 -3.81
C GLU A 142 -12.93 -11.06 -4.48
N ASN A 143 -12.49 -11.05 -5.75
CA ASN A 143 -12.28 -12.28 -6.51
C ASN A 143 -10.84 -12.53 -6.92
N ILE A 144 -9.91 -11.71 -6.43
CA ILE A 144 -8.49 -11.85 -6.73
C ILE A 144 -7.76 -12.43 -5.52
N GLU A 145 -7.21 -13.62 -5.69
CA GLU A 145 -6.54 -14.33 -4.60
C GLU A 145 -5.24 -13.65 -4.18
N LEU A 146 -5.04 -13.61 -2.87
CA LEU A 146 -3.82 -13.05 -2.26
C LEU A 146 -3.08 -14.11 -1.47
N GLY A 147 -1.78 -13.91 -1.28
CA GLY A 147 -0.93 -14.87 -0.59
C GLY A 147 0.43 -14.90 -1.23
N ASN A 148 1.31 -15.77 -0.73
CA ASN A 148 2.68 -15.84 -1.25
C ASN A 148 2.74 -16.30 -2.70
N GLY A 149 1.91 -17.28 -3.04
CA GLY A 149 1.80 -17.79 -4.41
C GLY A 149 1.40 -16.71 -5.39
N PRO A 150 0.26 -16.01 -5.14
CA PRO A 150 -0.11 -14.86 -5.98
C PRO A 150 0.98 -13.81 -6.10
N LEU A 151 1.70 -13.51 -5.01
CA LEU A 151 2.76 -12.50 -5.06
C LEU A 151 3.95 -12.96 -5.92
N GLU A 152 4.36 -14.21 -5.73
CA GLU A 152 5.38 -14.86 -6.57
C GLU A 152 5.06 -14.71 -8.05
N GLU A 153 3.80 -15.02 -8.40
CA GLU A 153 3.29 -14.94 -9.77
C GLU A 153 3.21 -13.50 -10.26
N ALA A 154 2.82 -12.58 -9.37
CA ALA A 154 2.72 -11.16 -9.70
C ALA A 154 4.07 -10.55 -10.07
N ILE A 155 5.12 -10.93 -9.33
CA ILE A 155 6.49 -10.45 -9.60
C ILE A 155 6.95 -10.88 -11.00
N SER A 156 6.72 -12.14 -11.35
CA SER A 156 7.01 -12.64 -12.70
C SER A 156 6.23 -11.90 -13.79
N ALA A 157 4.94 -11.65 -13.54
CA ALA A 157 4.07 -10.97 -14.51
C ALA A 157 4.48 -9.52 -14.75
N LEU A 158 4.85 -8.81 -13.67
CA LEU A 158 5.41 -7.46 -13.79
C LEU A 158 6.72 -7.47 -14.57
N TYR A 159 7.59 -8.44 -14.28
CA TYR A 159 8.87 -8.57 -14.96
C TYR A 159 8.73 -8.73 -16.47
N TYR A 160 7.80 -9.58 -16.92
CA TYR A 160 7.65 -9.93 -18.34
C TYR A 160 6.76 -9.01 -19.18
N TYR A 161 6.23 -7.94 -18.58
CA TYR A 161 5.29 -7.05 -19.28
C TYR A 161 5.87 -6.36 -20.53
N SER A 162 7.08 -5.85 -20.40
CA SER A 162 7.73 -5.07 -21.46
C SER A 162 8.01 -5.88 -22.73
N THR A 163 8.15 -7.20 -22.58
CA THR A 163 8.45 -8.10 -23.71
C THR A 163 7.21 -8.73 -24.34
N GLY A 164 6.03 -8.36 -23.83
CA GLY A 164 4.76 -8.85 -24.38
C GLY A 164 4.25 -10.16 -23.80
N GLY A 165 4.97 -10.70 -22.82
CA GLY A 165 4.60 -11.96 -22.16
C GLY A 165 3.39 -11.86 -21.24
N THR A 166 3.10 -10.64 -20.78
CA THR A 166 2.01 -10.38 -19.84
C THR A 166 0.93 -9.52 -20.48
N GLN A 167 -0.30 -10.05 -20.53
CA GLN A 167 -1.46 -9.30 -21.01
C GLN A 167 -1.87 -8.25 -19.97
N LEU A 168 -2.53 -7.19 -20.44
CA LEU A 168 -2.97 -6.10 -19.56
C LEU A 168 -3.87 -6.51 -18.38
N PRO A 169 -4.83 -7.45 -18.58
CA PRO A 169 -5.60 -7.92 -17.41
C PRO A 169 -4.75 -8.59 -16.32
N THR A 170 -3.76 -9.37 -16.74
CA THR A 170 -2.82 -10.04 -15.81
C THR A 170 -1.96 -9.02 -15.07
N LEU A 171 -1.45 -8.02 -15.80
CA LEU A 171 -0.66 -6.93 -15.22
C LEU A 171 -1.44 -6.15 -14.15
N ALA A 172 -2.69 -5.81 -14.46
CA ALA A 172 -3.59 -5.09 -13.54
C ALA A 172 -3.86 -5.91 -12.28
N ARG A 173 -4.13 -7.20 -12.47
CA ARG A 173 -4.35 -8.16 -11.38
C ARG A 173 -3.12 -8.22 -10.48
N SER A 174 -1.95 -8.25 -11.11
CA SER A 174 -0.66 -8.33 -10.43
C SER A 174 -0.38 -7.08 -9.60
N PHE A 175 -0.73 -5.90 -10.13
CA PHE A 175 -0.66 -4.66 -9.36
C PHE A 175 -1.55 -4.73 -8.13
N ILE A 176 -2.79 -5.18 -8.32
CA ILE A 176 -3.77 -5.32 -7.24
C ILE A 176 -3.23 -6.20 -6.10
N ILE A 177 -2.56 -7.30 -6.46
CA ILE A 177 -1.92 -8.20 -5.49
C ILE A 177 -0.80 -7.47 -4.73
N CYS A 178 0.11 -6.84 -5.46
CA CYS A 178 1.23 -6.11 -4.86
C CYS A 178 0.79 -5.00 -3.91
N ILE A 179 -0.16 -4.19 -4.37
CA ILE A 179 -0.65 -3.06 -3.59
C ILE A 179 -1.20 -3.53 -2.24
N GLN A 180 -2.00 -4.59 -2.25
CA GLN A 180 -2.64 -5.05 -1.02
C GLN A 180 -1.66 -5.72 -0.07
N MET A 181 -0.73 -6.49 -0.62
CA MET A 181 0.22 -7.22 0.21
C MET A 181 1.37 -6.37 0.74
N ILE A 182 1.54 -5.18 0.17
CA ILE A 182 2.61 -4.28 0.57
C ILE A 182 2.03 -3.00 1.19
N SER A 183 1.39 -2.17 0.38
CA SER A 183 0.87 -0.90 0.85
C SER A 183 -0.26 -1.03 1.87
N GLU A 184 -1.25 -1.87 1.59
CA GLU A 184 -2.35 -2.04 2.54
C GLU A 184 -1.91 -2.70 3.83
N ALA A 185 -1.01 -3.67 3.73
CA ALA A 185 -0.42 -4.30 4.90
C ALA A 185 0.37 -3.30 5.75
N ALA A 186 1.08 -2.38 5.08
CA ALA A 186 1.78 -1.30 5.77
C ALA A 186 0.81 -0.37 6.51
N ARG A 187 -0.31 -0.04 5.86
CA ARG A 187 -1.32 0.85 6.43
C ARG A 187 -2.09 0.24 7.60
N PHE A 188 -2.35 -1.07 7.53
CA PHE A 188 -3.23 -1.74 8.50
C PHE A 188 -2.56 -2.98 9.10
N GLN A 189 -2.32 -2.98 10.41
CA GLN A 189 -1.85 -4.22 11.09
C GLN A 189 -2.83 -5.36 10.84
N TYR A 190 -4.13 -5.03 10.76
CA TYR A 190 -5.13 -6.06 10.50
C TYR A 190 -4.90 -6.77 9.16
N ILE A 191 -4.60 -6.00 8.12
CA ILE A 191 -4.37 -6.57 6.79
C ILE A 191 -3.04 -7.31 6.75
N GLU A 192 -2.01 -6.76 7.40
CA GLU A 192 -0.75 -7.50 7.59
C GLU A 192 -1.00 -8.86 8.23
N GLY A 193 -1.85 -8.88 9.27
CA GLY A 193 -2.21 -10.12 9.96
C GLY A 193 -2.85 -11.14 9.04
N GLU A 194 -3.76 -10.67 8.19
CA GLU A 194 -4.44 -11.51 7.20
C GLU A 194 -3.45 -12.12 6.18
N MET A 195 -2.43 -11.35 5.82
CA MET A 195 -1.40 -11.85 4.92
C MET A 195 -0.45 -12.83 5.62
N ARG A 196 -0.13 -12.54 6.89
CA ARG A 196 0.69 -13.44 7.72
C ARG A 196 0.05 -14.82 7.79
N THR A 197 -1.26 -14.86 8.00
CA THR A 197 -2.01 -16.13 8.06
C THR A 197 -1.91 -16.91 6.76
N ARG A 198 -2.12 -16.22 5.63
CA ARG A 198 -2.00 -16.86 4.31
C ARG A 198 -0.60 -17.46 4.10
N ILE A 199 0.42 -16.75 4.55
CA ILE A 199 1.80 -17.23 4.43
C ILE A 199 2.06 -18.44 5.35
N ARG A 200 1.60 -18.34 6.61
CA ARG A 200 1.77 -19.42 7.60
C ARG A 200 1.28 -20.78 7.10
N TYR A 201 0.16 -20.78 6.36
CA TYR A 201 -0.45 -22.02 5.90
C TYR A 201 -0.29 -22.28 4.40
N ASN A 202 0.44 -21.38 3.73
CA ASN A 202 0.63 -21.40 2.27
C ASN A 202 -0.69 -21.61 1.51
N ARG A 203 -1.70 -20.85 1.92
CA ARG A 203 -3.03 -20.96 1.33
C ARG A 203 -3.45 -19.61 0.77
N ARG A 204 -3.68 -19.58 -0.54
CA ARG A 204 -4.13 -18.37 -1.24
C ARG A 204 -5.65 -18.21 -1.17
N SER A 205 -6.09 -16.98 -0.94
CA SER A 205 -7.52 -16.66 -0.88
C SER A 205 -7.75 -15.18 -1.14
N ALA A 206 -8.90 -14.88 -1.73
CA ALA A 206 -9.35 -13.52 -1.97
C ALA A 206 -9.65 -12.81 -0.64
N PRO A 207 -9.47 -11.47 -0.60
CA PRO A 207 -9.76 -10.75 0.65
C PRO A 207 -11.25 -10.71 1.00
N ASP A 208 -11.53 -10.95 2.27
CA ASP A 208 -12.91 -10.92 2.80
C ASP A 208 -13.40 -9.47 2.96
N PRO A 209 -14.70 -9.26 3.28
CA PRO A 209 -15.23 -7.89 3.41
C PRO A 209 -14.54 -7.01 4.46
N SER A 210 -13.97 -7.59 5.51
CA SER A 210 -13.26 -6.80 6.52
C SER A 210 -12.03 -6.11 5.91
N VAL A 211 -11.33 -6.83 5.05
CA VAL A 211 -10.18 -6.29 4.33
C VAL A 211 -10.59 -5.21 3.33
N ILE A 212 -11.57 -5.52 2.49
CA ILE A 212 -12.07 -4.59 1.47
C ILE A 212 -12.57 -3.27 2.07
N THR A 213 -13.39 -3.37 3.12
CA THR A 213 -13.97 -2.16 3.75
C THR A 213 -12.90 -1.31 4.45
N LEU A 214 -11.90 -1.94 5.05
CA LEU A 214 -10.77 -1.20 5.62
C LEU A 214 -10.01 -0.43 4.54
N GLU A 215 -9.68 -1.12 3.44
CA GLU A 215 -9.00 -0.49 2.30
C GLU A 215 -9.77 0.72 1.79
N ASN A 216 -11.07 0.54 1.57
CA ASN A 216 -11.92 1.62 1.06
C ASN A 216 -12.08 2.79 2.02
N SER A 217 -11.93 2.51 3.31
CA SER A 217 -12.17 3.50 4.36
C SER A 217 -10.93 4.18 4.92
N TRP A 218 -9.74 3.86 4.38
CA TRP A 218 -8.50 4.38 4.99
C TRP A 218 -8.44 5.90 5.08
N GLY A 219 -8.83 6.59 4.01
CA GLY A 219 -8.87 8.05 4.01
C GLY A 219 -9.87 8.61 5.00
N ARG A 220 -11.07 8.03 5.02
CA ARG A 220 -12.13 8.46 5.94
C ARG A 220 -11.79 8.20 7.40
N LEU A 221 -11.20 7.04 7.70
CA LEU A 221 -10.72 6.73 9.03
C LEU A 221 -9.62 7.70 9.48
N SER A 222 -8.67 7.97 8.58
CA SER A 222 -7.61 8.93 8.85
C SER A 222 -8.17 10.31 9.21
N THR A 223 -9.14 10.79 8.42
CA THR A 223 -9.75 12.09 8.67
C THR A 223 -10.55 12.09 9.97
N ALA A 224 -11.35 11.04 10.19
CA ALA A 224 -12.17 10.95 11.40
C ALA A 224 -11.33 10.97 12.68
N ILE A 225 -10.22 10.22 12.66
CA ILE A 225 -9.31 10.17 13.82
C ILE A 225 -8.70 11.56 14.04
N GLN A 226 -8.19 12.16 12.98
CA GLN A 226 -7.49 13.44 13.07
C GLN A 226 -8.41 14.62 13.42
N GLU A 227 -9.66 14.55 12.98
CA GLU A 227 -10.67 15.59 13.28
C GLU A 227 -11.50 15.29 14.52
N SER A 228 -11.23 14.17 15.18
CA SER A 228 -11.99 13.73 16.36
C SER A 228 -11.88 14.69 17.54
N ASN A 229 -12.86 14.62 18.42
CA ASN A 229 -12.81 15.34 19.68
C ASN A 229 -12.29 14.42 20.77
N GLN A 230 -10.99 14.56 21.06
CA GLN A 230 -10.30 13.73 22.07
C GLN A 230 -10.39 12.23 21.74
N GLY A 231 -10.48 11.90 20.45
CA GLY A 231 -10.64 10.52 20.00
C GLY A 231 -12.04 10.12 19.58
N ALA A 232 -13.04 10.91 19.97
CA ALA A 232 -14.45 10.63 19.67
C ALA A 232 -14.84 11.17 18.30
N PHE A 233 -15.37 10.29 17.46
CA PHE A 233 -15.82 10.66 16.11
C PHE A 233 -17.10 11.48 16.20
N ALA A 234 -17.23 12.48 15.34
CA ALA A 234 -18.48 13.23 15.23
C ALA A 234 -19.54 12.40 14.53
N SER A 235 -19.11 11.65 13.52
CA SER A 235 -19.96 10.75 12.75
C SER A 235 -19.34 9.35 12.82
N PRO A 236 -20.17 8.32 13.05
CA PRO A 236 -19.63 6.95 13.01
C PRO A 236 -19.22 6.52 11.61
N ILE A 237 -18.28 5.58 11.54
CA ILE A 237 -17.88 4.96 10.26
C ILE A 237 -18.27 3.49 10.30
N GLN A 238 -18.95 3.06 9.24
CA GLN A 238 -19.39 1.68 9.14
C GLN A 238 -18.35 0.84 8.41
N LEU A 239 -17.92 -0.23 9.07
CA LEU A 239 -17.05 -1.22 8.46
C LEU A 239 -17.79 -2.55 8.40
N GLN A 240 -17.14 -3.56 7.82
CA GLN A 240 -17.69 -4.91 7.80
C GLN A 240 -16.77 -5.89 8.50
N ARG A 241 -17.39 -6.90 9.12
CA ARG A 241 -16.67 -8.05 9.69
C ARG A 241 -16.34 -9.04 8.56
N ARG A 242 -15.55 -10.06 8.90
CA ARG A 242 -15.20 -11.15 7.97
C ARG A 242 -16.41 -11.81 7.31
N ASN A 243 -17.49 -11.99 8.09
CA ASN A 243 -18.74 -12.56 7.58
C ASN A 243 -19.66 -11.56 6.83
N GLY A 244 -19.21 -10.31 6.72
CA GLY A 244 -19.94 -9.28 5.98
C GLY A 244 -20.90 -8.42 6.79
N SER A 245 -21.09 -8.78 8.06
CA SER A 245 -21.96 -8.01 8.97
C SER A 245 -21.34 -6.65 9.33
N LYS A 246 -22.20 -5.69 9.66
CA LYS A 246 -21.78 -4.32 9.94
C LYS A 246 -21.13 -4.15 11.32
N PHE A 247 -20.10 -3.31 11.36
CA PHE A 247 -19.39 -2.93 12.57
C PHE A 247 -19.27 -1.41 12.58
N SER A 248 -19.82 -0.78 13.62
CA SER A 248 -19.76 0.68 13.75
C SER A 248 -18.56 1.13 14.55
N VAL A 249 -17.82 2.10 14.01
CA VAL A 249 -16.65 2.70 14.68
C VAL A 249 -17.01 4.10 15.15
N TYR A 250 -16.91 4.32 16.46
CA TYR A 250 -17.26 5.60 17.08
C TYR A 250 -16.06 6.34 17.63
N ASP A 251 -14.91 5.67 17.68
CA ASP A 251 -13.77 6.15 18.45
C ASP A 251 -12.47 5.57 17.92
N VAL A 252 -11.39 6.34 18.06
CA VAL A 252 -10.05 5.89 17.70
C VAL A 252 -9.61 4.63 18.47
N SER A 253 -10.08 4.48 19.70
CA SER A 253 -9.59 3.42 20.59
C SER A 253 -9.63 2.03 19.95
N ILE A 254 -10.75 1.70 19.31
CA ILE A 254 -10.96 0.41 18.67
C ILE A 254 -10.04 0.19 17.46
N LEU A 255 -9.52 1.30 16.91
CA LEU A 255 -8.70 1.25 15.70
C LEU A 255 -7.19 1.14 15.95
N ILE A 256 -6.76 1.36 17.19
CA ILE A 256 -5.33 1.29 17.54
C ILE A 256 -4.68 -0.07 17.14
N PRO A 257 -5.36 -1.22 17.41
CA PRO A 257 -4.79 -2.49 16.94
C PRO A 257 -4.97 -2.78 15.43
N ILE A 258 -5.71 -1.92 14.73
CA ILE A 258 -6.14 -2.19 13.36
C ILE A 258 -5.37 -1.38 12.33
N ILE A 259 -5.23 -0.08 12.59
CA ILE A 259 -4.57 0.85 11.67
CA ILE A 259 -4.59 0.89 11.69
C ILE A 259 -3.17 1.19 12.18
N ALA A 260 -2.18 1.02 11.29
CA ALA A 260 -0.77 1.25 11.63
C ALA A 260 -0.27 2.63 11.23
N LEU A 261 -0.82 3.16 10.14
CA LEU A 261 -0.39 4.44 9.56
C LEU A 261 -1.61 5.19 9.05
N MET A 262 -1.60 6.51 9.18
CA MET A 262 -2.64 7.37 8.60
C MET A 262 -2.05 8.31 7.57
N VAL A 263 -2.86 8.67 6.57
CA VAL A 263 -2.52 9.76 5.65
C VAL A 263 -2.79 11.08 6.37
N TYR A 264 -1.91 12.06 6.16
CA TYR A 264 -2.09 13.40 6.73
C TYR A 264 -3.34 14.04 6.16
N ARG A 265 -4.23 14.49 7.04
CA ARG A 265 -5.50 15.09 6.61
C ARG A 265 -5.72 16.50 7.15
N CYS A 266 -5.29 16.73 8.40
CA CYS A 266 -5.34 18.06 9.01
C CYS A 266 -4.22 18.21 10.04
N ALA A 267 -3.99 19.45 10.47
CA ALA A 267 -3.06 19.77 11.56
C ALA A 267 -3.61 19.26 12.90
N PRO A 268 -2.72 18.74 13.78
CA PRO A 268 -3.18 18.30 15.10
C PRO A 268 -3.55 19.48 16.00
N PRO A 269 -4.69 19.38 16.73
CA PRO A 269 -5.13 20.46 17.62
C PRO A 269 -4.22 20.60 18.86
N PRO A 270 -4.12 21.82 19.45
CA PRO A 270 -3.38 22.04 20.70
C PRO A 270 -3.83 21.14 21.86
N SER A 271 -2.91 20.89 22.79
CA SER A 271 -3.07 19.90 23.87
C SER A 271 -4.21 20.19 24.87
N SER A 272 -4.53 21.48 25.05
CA SER A 272 -5.53 21.98 26.01
C SER A 272 -5.21 21.66 27.48
N GLN A 273 -4.74 22.67 28.20
CA GLN A 273 -4.34 22.55 29.60
C GLN A 273 -5.56 22.49 30.54
N PHE A 274 -5.55 21.51 31.44
CA PHE A 274 -6.60 21.33 32.44
C PHE A 274 -6.13 21.75 33.83
C2 IWQ B . -1.99 2.16 -6.10
N2 IWQ B . -1.33 2.14 -7.25
O4 IWQ B . -1.25 2.03 -2.66
C4 IWQ B . -1.92 2.10 -3.69
N3 IWQ B . -1.24 2.09 -4.90
C4A IWQ B . -3.32 2.19 -3.67
N1 IWQ B . -3.32 2.23 -6.05
OBD IWQ B . -8.00 2.69 -4.98
C8A IWQ B . -4.00 2.26 -4.89
N8 IWQ B . -5.35 2.35 -4.93
C7 IWQ B . -6.08 2.38 -3.79
N5 IWQ B . -4.02 2.21 -2.52
C6 IWQ B . -5.41 2.31 -2.56
CBE IWQ B . -7.47 2.52 -3.88
NAC IWQ B . -8.15 2.62 -2.73
CAD IWQ B . -9.62 2.80 -2.70
CAA IWQ B . -10.04 3.99 -1.84
OAB IWQ B . -11.23 4.13 -1.53
N IWQ B . -9.06 4.86 -1.51
CA IWQ B . -9.30 6.02 -0.63
C IWQ B . -9.31 7.40 -1.35
O IWQ B . -9.74 8.38 -0.74
CB IWQ B . -8.25 6.01 0.52
CG IWQ B . -6.80 6.19 0.03
CD1 IWQ B . -6.24 7.47 -0.04
CD2 IWQ B . -6.03 5.08 -0.33
CE1 IWQ B . -4.92 7.65 -0.47
CE2 IWQ B . -4.71 5.24 -0.77
CZ IWQ B . -4.15 6.53 -0.83
CBR IWQ B . 0.93 9.16 -8.09
CBV IWQ B . 0.99 8.06 -10.26
CBS IWQ B . 2.01 9.96 -8.47
CAP IWQ B . -10.22 9.03 -3.95
CAS IWQ B . -8.82 8.71 -3.37
CAT IWQ B . -7.81 8.65 -4.51
CAU IWQ B . -6.42 8.94 -3.95
CAV IWQ B . -5.39 8.62 -5.04
CAW IWQ B . -4.00 8.95 -4.52
CBN IWQ B . -1.79 9.25 -5.62
CBQ IWQ B . 0.33 9.33 -6.70
CBW IWQ B . 0.42 8.21 -8.99
CBU IWQ B . 2.07 8.86 -10.62
CBT IWQ B . 2.59 9.82 -9.73
NAR IWQ B . -8.84 7.45 -2.61
NBM IWQ B . -3.10 9.00 -5.69
OAX IWQ B . -10.55 10.23 -3.99
OAQ IWQ B . -10.91 8.07 -4.35
OBP IWQ B . -1.23 9.48 -4.55
OBO IWQ B . -1.09 9.27 -6.79
S SO4 C . 11.89 -18.03 10.10
O1 SO4 C . 12.52 -17.45 11.30
O2 SO4 C . 10.63 -18.69 10.48
O3 SO4 C . 11.67 -16.95 9.13
O4 SO4 C . 12.79 -19.05 9.50
S SO4 D . -8.26 7.12 -14.49
O1 SO4 D . -7.47 7.54 -13.31
O2 SO4 D . -9.47 6.39 -14.04
O3 SO4 D . -7.43 6.25 -15.36
O4 SO4 D . -8.67 8.32 -15.25
#